data_2X6V
#
_entry.id   2X6V
#
_cell.length_a   118.240
_cell.length_b   118.240
_cell.length_c   243.000
_cell.angle_alpha   90.00
_cell.angle_beta   90.00
_cell.angle_gamma   120.00
#
_symmetry.space_group_name_H-M   'P 61 2 2'
#
loop_
_entity.id
_entity.type
_entity.pdbx_description
1 polymer 'T-BOX TRANSCRIPTION FACTOR TBX5'
2 polymer "5'-D(*TP*CP*TP*CP*AP*CP*AP*CP*CP*TP*TP)-3'"
3 polymer "5'-D(*TP*AP*AP*GP*GP*TP*GP*TP*GP*AP*GP)-3'"
4 non-polymer 'MAGNESIUM ION'
5 non-polymer 2-{2-[2-(2-{2-[2-(2-ETHOXY-ETHOXY)-ETHOXY]-ETHOXY}-ETHOXY)-ETHOXY]-ETHOXY}-ETHANOL
6 water water
#
loop_
_entity_poly.entity_id
_entity_poly.type
_entity_poly.pdbx_seq_one_letter_code
_entity_poly.pdbx_strand_id
1 'polypeptide(L)'
;GAMEGIKVFLHERELWLKFHEVGTEMIITKAGRRMFPSYKVKVTGLNPKTKYILLMDIVPADDHRYKFADNKWSVTGKAE
PAMPGRLYVHPDSPATGAHWMRQLVSFQKLKLTNNHLDPFGHIILNSMHKYQPRLHIVKADENNGFGSKNTAFCTHVFPE
TAFIAVTSYQNHKITQLKIENNPFAKGFRGSDDMELHRMSRMQ
;
A,B
2 'polydeoxyribonucleotide' (DT)(DC)(DT)(DC)(DA)(DC)(DA)(DC)(DC)(DT)(DT) C
3 'polydeoxyribonucleotide' (DT)(DA)(DA)(DG)(DG)(DT)(DG)(DT)(DG)(DA)(DG) D
#
loop_
_chem_comp.id
_chem_comp.type
_chem_comp.name
_chem_comp.formula
DA DNA linking 2'-DEOXYADENOSINE-5'-MONOPHOSPHATE 'C10 H14 N5 O6 P'
DC DNA linking 2'-DEOXYCYTIDINE-5'-MONOPHOSPHATE 'C9 H14 N3 O7 P'
DG DNA linking 2'-DEOXYGUANOSINE-5'-MONOPHOSPHATE 'C10 H14 N5 O7 P'
DT DNA linking THYMIDINE-5'-MONOPHOSPHATE 'C10 H15 N2 O8 P'
MG non-polymer 'MAGNESIUM ION' 'Mg 2'
PE4 non-polymer 2-{2-[2-(2-{2-[2-(2-ETHOXY-ETHOXY)-ETHOXY]-ETHOXY}-ETHOXY)-ETHOXY]-ETHOXY}-ETHANOL 'C16 H34 O8'
#
# COMPACT_ATOMS: atom_id res chain seq x y z
N GLY A 5 -6.19 5.22 -21.98
CA GLY A 5 -5.05 5.11 -21.09
C GLY A 5 -5.08 6.02 -19.88
N ILE A 6 -4.48 5.56 -18.79
CA ILE A 6 -3.86 4.23 -18.76
C ILE A 6 -4.89 3.17 -18.37
N LYS A 7 -4.96 2.10 -19.15
CA LYS A 7 -5.85 1.00 -18.83
C LYS A 7 -5.06 -0.30 -18.62
N VAL A 8 -5.44 -1.07 -17.62
CA VAL A 8 -4.82 -2.36 -17.35
C VAL A 8 -5.88 -3.46 -17.39
N PHE A 9 -5.63 -4.50 -18.18
CA PHE A 9 -6.58 -5.61 -18.28
C PHE A 9 -5.98 -6.90 -17.74
N LEU A 10 -6.73 -7.56 -16.88
CA LEU A 10 -6.27 -8.82 -16.30
C LEU A 10 -6.38 -9.93 -17.33
N HIS A 11 -5.26 -10.57 -17.62
CA HIS A 11 -5.24 -11.72 -18.51
C HIS A 11 -5.84 -12.97 -17.85
N GLU A 12 -6.45 -13.83 -18.67
CA GLU A 12 -7.10 -15.03 -18.18
C GLU A 12 -8.08 -14.75 -17.05
N ARG A 13 -8.82 -13.64 -17.17
CA ARG A 13 -9.77 -13.28 -16.12
C ARG A 13 -10.78 -14.40 -15.81
N GLU A 14 -11.20 -15.12 -16.84
N GLU A 14 -11.24 -15.13 -16.83
CA GLU A 14 -12.17 -16.20 -16.69
CA GLU A 14 -12.23 -16.18 -16.59
C GLU A 14 -11.65 -17.28 -15.75
C GLU A 14 -11.65 -17.29 -15.70
N LEU A 15 -10.40 -17.67 -15.96
CA LEU A 15 -9.74 -18.65 -15.10
C LEU A 15 -9.63 -18.12 -13.68
N TRP A 16 -9.26 -16.85 -13.52
CA TRP A 16 -9.16 -16.29 -12.17
C TRP A 16 -10.52 -16.35 -11.45
N LEU A 17 -11.59 -16.09 -12.20
CA LEU A 17 -12.94 -16.06 -11.62
C LEU A 17 -13.36 -17.45 -11.14
N LYS A 18 -13.00 -18.47 -11.89
CA LYS A 18 -13.25 -19.85 -11.48
C LYS A 18 -12.64 -20.14 -10.12
N PHE A 19 -11.38 -19.75 -9.93
CA PHE A 19 -10.72 -19.92 -8.63
C PHE A 19 -11.40 -19.05 -7.60
N HIS A 20 -11.69 -17.80 -8.00
CA HIS A 20 -12.23 -16.83 -7.06
C HIS A 20 -13.61 -17.27 -6.50
N GLU A 21 -14.47 -17.83 -7.36
CA GLU A 21 -15.77 -18.37 -6.94
C GLU A 21 -15.61 -19.40 -5.83
N VAL A 22 -14.67 -20.33 -6.03
CA VAL A 22 -14.40 -21.35 -5.03
C VAL A 22 -13.73 -20.74 -3.80
N GLY A 23 -12.85 -19.78 -4.03
CA GLY A 23 -12.08 -19.17 -2.96
C GLY A 23 -10.61 -19.52 -3.08
N THR A 24 -9.88 -18.66 -3.78
CA THR A 24 -8.51 -18.97 -4.19
C THR A 24 -7.55 -19.19 -3.03
N GLU A 25 -6.73 -20.23 -3.17
CA GLU A 25 -5.62 -20.46 -2.25
C GLU A 25 -4.32 -20.44 -3.04
N MET A 26 -3.28 -19.89 -2.43
CA MET A 26 -1.96 -19.95 -3.03
C MET A 26 -1.03 -20.64 -2.05
N ILE A 27 -0.36 -21.69 -2.52
CA ILE A 27 0.68 -22.35 -1.71
C ILE A 27 1.81 -21.38 -1.40
N ILE A 28 2.32 -21.44 -0.17
CA ILE A 28 3.57 -20.75 0.16
C ILE A 28 4.54 -21.76 0.78
N THR A 29 5.83 -21.61 0.50
CA THR A 29 6.89 -22.53 0.97
C THR A 29 8.15 -21.77 1.34
N LYS A 30 9.08 -22.44 2.00
CA LYS A 30 10.35 -21.81 2.33
C LYS A 30 11.11 -21.33 1.08
N ALA A 31 11.20 -22.20 0.08
CA ALA A 31 11.96 -21.88 -1.12
C ALA A 31 11.30 -20.79 -1.97
N GLY A 32 10.01 -20.55 -1.78
CA GLY A 32 9.29 -19.61 -2.62
C GLY A 32 8.50 -20.28 -3.73
N ARG A 33 7.21 -19.94 -3.80
CA ARG A 33 6.27 -20.62 -4.66
C ARG A 33 5.64 -19.64 -5.65
N ARG A 34 5.60 -20.01 -6.93
CA ARG A 34 4.84 -19.22 -7.91
C ARG A 34 3.34 -19.20 -7.58
N MET A 35 2.68 -18.12 -7.96
CA MET A 35 1.22 -18.11 -7.91
C MET A 35 0.68 -18.88 -9.11
N PHE A 36 -0.47 -19.51 -8.94
CA PHE A 36 -1.19 -20.01 -10.11
C PHE A 36 -2.66 -19.70 -9.89
N PRO A 37 -3.30 -19.07 -10.88
CA PRO A 37 -2.77 -18.62 -12.19
C PRO A 37 -1.60 -17.66 -12.09
N SER A 38 -0.83 -17.58 -13.16
CA SER A 38 0.15 -16.51 -13.32
C SER A 38 -0.60 -15.17 -13.41
N TYR A 39 -0.13 -14.18 -12.66
CA TYR A 39 -0.65 -12.82 -12.82
C TYR A 39 0.00 -12.18 -14.05
N LYS A 40 -0.82 -11.89 -15.06
CA LYS A 40 -0.39 -11.25 -16.31
C LYS A 40 -1.41 -10.18 -16.69
N VAL A 41 -0.92 -9.09 -17.27
CA VAL A 41 -1.82 -8.01 -17.69
C VAL A 41 -1.46 -7.46 -19.06
N LYS A 42 -2.47 -6.90 -19.71
CA LYS A 42 -2.28 -6.10 -20.90
C LYS A 42 -2.43 -4.66 -20.44
N VAL A 43 -1.53 -3.80 -20.91
N VAL A 43 -1.53 -3.80 -20.89
CA VAL A 43 -1.62 -2.39 -20.58
CA VAL A 43 -1.65 -2.39 -20.55
C VAL A 43 -1.76 -1.58 -21.85
C VAL A 43 -1.76 -1.58 -21.84
N THR A 44 -2.59 -0.55 -21.82
CA THR A 44 -2.73 0.37 -22.96
C THR A 44 -2.67 1.80 -22.44
N GLY A 45 -2.40 2.72 -23.36
CA GLY A 45 -2.51 4.14 -23.02
C GLY A 45 -1.24 4.72 -22.47
N LEU A 46 -0.16 3.94 -22.46
CA LEU A 46 1.14 4.46 -22.03
C LEU A 46 1.69 5.36 -23.12
N ASN A 47 2.48 6.34 -22.74
CA ASN A 47 3.24 7.07 -23.74
C ASN A 47 4.32 6.15 -24.31
N PRO A 48 4.32 5.93 -25.63
CA PRO A 48 5.22 4.94 -26.24
C PRO A 48 6.71 5.18 -25.96
N LYS A 49 7.10 6.43 -25.79
CA LYS A 49 8.52 6.74 -25.66
C LYS A 49 8.93 6.93 -24.23
N THR A 50 7.96 7.15 -23.35
CA THR A 50 8.27 7.39 -21.93
C THR A 50 8.69 6.07 -21.26
N LYS A 51 9.60 6.16 -20.31
CA LYS A 51 9.99 4.97 -19.57
C LYS A 51 9.15 4.78 -18.31
N TYR A 52 8.78 3.53 -18.05
CA TYR A 52 7.99 3.19 -16.87
C TYR A 52 8.58 2.01 -16.14
N ILE A 53 8.35 2.00 -14.83
CA ILE A 53 8.65 0.87 -13.97
C ILE A 53 7.32 0.21 -13.62
N LEU A 54 7.22 -1.10 -13.84
CA LEU A 54 6.06 -1.87 -13.40
C LEU A 54 6.46 -2.77 -12.25
N LEU A 55 5.62 -2.84 -11.23
N LEU A 55 5.63 -2.83 -11.22
CA LEU A 55 5.92 -3.65 -10.05
CA LEU A 55 5.93 -3.66 -10.05
C LEU A 55 4.67 -4.13 -9.36
C LEU A 55 4.68 -4.08 -9.30
N MET A 56 4.81 -5.13 -8.50
CA MET A 56 3.66 -5.65 -7.77
C MET A 56 3.96 -5.66 -6.28
N ASP A 57 2.91 -5.58 -5.47
CA ASP A 57 3.04 -6.03 -4.09
C ASP A 57 1.81 -6.83 -3.78
N ILE A 58 1.77 -7.41 -2.60
CA ILE A 58 0.64 -8.26 -2.18
C ILE A 58 0.33 -7.88 -0.75
N VAL A 59 -0.84 -7.28 -0.55
CA VAL A 59 -1.14 -6.64 0.72
C VAL A 59 -2.28 -7.37 1.38
N PRO A 60 -2.33 -7.28 2.72
CA PRO A 60 -3.44 -7.91 3.44
C PRO A 60 -4.77 -7.42 2.87
N ALA A 61 -5.69 -8.33 2.67
CA ALA A 61 -7.03 -8.00 2.21
C ALA A 61 -7.88 -7.48 3.37
N ASP A 62 -7.55 -7.90 4.59
CA ASP A 62 -8.32 -7.53 5.78
C ASP A 62 -7.47 -7.82 7.01
N ASP A 63 -8.04 -7.65 8.20
N ASP A 63 -8.03 -7.65 8.20
CA ASP A 63 -7.28 -7.83 9.43
CA ASP A 63 -7.26 -7.85 9.42
C ASP A 63 -7.64 -9.13 10.14
C ASP A 63 -7.67 -9.13 10.14
N HIS A 64 -8.07 -10.13 9.38
CA HIS A 64 -8.52 -11.38 9.95
C HIS A 64 -7.49 -12.50 9.78
N ARG A 65 -7.55 -13.47 10.70
CA ARG A 65 -6.97 -14.78 10.51
C ARG A 65 -8.11 -15.75 10.25
N TYR A 66 -7.92 -16.70 9.32
CA TYR A 66 -8.99 -17.62 8.93
C TYR A 66 -8.74 -19.06 9.39
N LYS A 67 -9.79 -19.86 9.35
CA LYS A 67 -9.68 -21.31 9.49
C LYS A 67 -10.56 -21.90 8.42
N PHE A 68 -10.24 -23.10 7.97
CA PHE A 68 -11.08 -23.76 7.00
C PHE A 68 -11.70 -24.99 7.70
N ALA A 69 -13.02 -25.09 7.64
CA ALA A 69 -13.77 -26.12 8.35
C ALA A 69 -15.15 -26.26 7.73
N ASP A 70 -15.68 -27.47 7.73
CA ASP A 70 -16.97 -27.69 7.09
C ASP A 70 -16.93 -27.27 5.64
N ASN A 71 -15.78 -27.45 5.00
CA ASN A 71 -15.61 -26.95 3.64
C ASN A 71 -15.92 -25.47 3.47
N LYS A 72 -15.51 -24.68 4.46
CA LYS A 72 -15.74 -23.24 4.43
C LYS A 72 -14.64 -22.49 5.13
N TRP A 73 -14.25 -21.37 4.53
CA TRP A 73 -13.38 -20.45 5.21
C TRP A 73 -14.22 -19.63 6.18
N SER A 74 -13.70 -19.39 7.39
CA SER A 74 -14.38 -18.46 8.29
C SER A 74 -13.37 -17.76 9.24
N VAL A 75 -13.71 -16.56 9.67
CA VAL A 75 -12.82 -15.78 10.52
C VAL A 75 -12.65 -16.47 11.87
N THR A 76 -11.49 -16.32 12.46
CA THR A 76 -11.15 -17.12 13.62
C THR A 76 -10.34 -16.31 14.60
N GLY A 77 -10.04 -15.07 14.23
CA GLY A 77 -9.17 -14.25 15.05
C GLY A 77 -8.59 -13.06 14.31
N LYS A 78 -7.79 -12.28 15.04
CA LYS A 78 -7.13 -11.11 14.50
C LYS A 78 -5.96 -11.58 13.66
N ALA A 79 -5.69 -10.87 12.58
CA ALA A 79 -4.53 -11.16 11.76
C ALA A 79 -3.28 -10.88 12.56
N GLU A 80 -2.22 -11.59 12.21
CA GLU A 80 -0.91 -11.38 12.79
C GLU A 80 -0.32 -10.06 12.27
N PRO A 81 0.29 -9.26 13.15
CA PRO A 81 1.03 -8.07 12.69
C PRO A 81 2.16 -8.49 11.77
N ALA A 82 2.59 -7.61 10.88
CA ALA A 82 3.61 -8.00 9.91
C ALA A 82 4.50 -6.83 9.54
N MET A 83 5.62 -7.12 8.89
CA MET A 83 6.50 -6.06 8.39
C MET A 83 5.93 -5.53 7.10
N PRO A 84 6.45 -4.39 6.61
CA PRO A 84 5.96 -3.91 5.31
C PRO A 84 6.21 -4.96 4.23
N GLY A 85 5.27 -5.09 3.29
CA GLY A 85 5.38 -6.07 2.21
C GLY A 85 6.53 -5.73 1.29
N ARG A 86 7.25 -6.75 0.84
CA ARG A 86 8.27 -6.54 -0.16
C ARG A 86 7.64 -6.29 -1.53
N LEU A 87 8.39 -5.63 -2.40
CA LEU A 87 7.94 -5.36 -3.75
C LEU A 87 8.53 -6.41 -4.70
N TYR A 88 7.81 -6.74 -5.76
CA TYR A 88 8.41 -7.50 -6.85
C TYR A 88 8.44 -6.58 -8.06
N VAL A 89 9.64 -6.09 -8.41
CA VAL A 89 9.80 -5.21 -9.56
C VAL A 89 9.94 -6.06 -10.82
N HIS A 90 9.14 -5.78 -11.85
CA HIS A 90 9.22 -6.58 -13.07
C HIS A 90 10.64 -6.50 -13.61
N PRO A 91 11.20 -7.64 -14.05
CA PRO A 91 12.58 -7.74 -14.55
C PRO A 91 12.90 -6.76 -15.70
N ASP A 92 11.90 -6.36 -16.49
CA ASP A 92 12.12 -5.49 -17.63
C ASP A 92 12.19 -4.02 -17.22
N SER A 93 11.80 -3.72 -15.98
CA SER A 93 11.78 -2.33 -15.53
C SER A 93 13.20 -1.79 -15.42
N PRO A 94 13.41 -0.51 -15.82
CA PRO A 94 12.47 0.36 -16.52
C PRO A 94 12.48 0.08 -18.02
N ALA A 95 11.33 0.26 -18.65
CA ALA A 95 11.21 0.06 -20.07
C ALA A 95 10.25 1.10 -20.65
N THR A 96 10.28 1.26 -21.96
CA THR A 96 9.41 2.23 -22.62
C THR A 96 7.96 1.77 -22.66
N GLY A 97 7.06 2.75 -22.77
CA GLY A 97 5.65 2.44 -22.92
C GLY A 97 5.43 1.44 -24.02
N ALA A 98 6.11 1.67 -25.15
CA ALA A 98 5.94 0.79 -26.31
C ALA A 98 6.32 -0.63 -25.96
N HIS A 99 7.43 -0.81 -25.23
CA HIS A 99 7.82 -2.16 -24.79
C HIS A 99 6.72 -2.82 -23.96
N TRP A 100 6.23 -2.11 -22.96
CA TRP A 100 5.23 -2.68 -22.05
C TRP A 100 3.95 -3.04 -22.81
N MET A 101 3.57 -2.21 -23.77
CA MET A 101 2.30 -2.41 -24.48
C MET A 101 2.37 -3.45 -25.61
N ARG A 102 3.58 -3.74 -26.07
CA ARG A 102 3.81 -4.65 -27.19
C ARG A 102 3.29 -6.08 -26.95
N GLN A 103 3.43 -6.58 -25.74
CA GLN A 103 2.86 -7.90 -25.40
C GLN A 103 2.47 -7.94 -23.94
N LEU A 104 1.85 -9.03 -23.53
CA LEU A 104 1.39 -9.17 -22.14
C LEU A 104 2.57 -8.95 -21.20
N VAL A 105 2.30 -8.31 -20.09
CA VAL A 105 3.32 -8.18 -19.06
C VAL A 105 3.10 -9.31 -18.06
N SER A 106 4.05 -10.24 -17.99
CA SER A 106 3.88 -11.38 -17.09
C SER A 106 4.63 -11.22 -15.75
N PHE A 107 3.96 -11.53 -14.66
CA PHE A 107 4.59 -11.57 -13.34
C PHE A 107 4.67 -13.02 -12.86
N GLN A 108 4.81 -13.93 -13.82
CA GLN A 108 4.86 -15.36 -13.51
C GLN A 108 5.97 -15.79 -12.54
N LYS A 109 7.10 -15.10 -12.54
N LYS A 109 7.08 -15.08 -12.53
CA LYS A 109 8.25 -15.50 -11.72
CA LYS A 109 8.26 -15.47 -11.73
C LYS A 109 8.16 -15.00 -10.28
C LYS A 109 8.15 -15.03 -10.28
N LEU A 110 7.11 -14.26 -9.97
CA LEU A 110 6.92 -13.79 -8.60
C LEU A 110 6.76 -14.98 -7.65
N LYS A 111 7.46 -14.99 -6.53
CA LYS A 111 7.31 -16.12 -5.61
C LYS A 111 6.87 -15.71 -4.22
N LEU A 112 6.04 -16.55 -3.62
CA LEU A 112 5.53 -16.33 -2.26
C LEU A 112 6.22 -17.26 -1.29
N THR A 113 6.64 -16.71 -0.15
CA THR A 113 7.26 -17.53 0.88
C THR A 113 6.63 -17.32 2.27
N ASN A 114 6.78 -18.33 3.15
CA ASN A 114 6.39 -18.17 4.55
C ASN A 114 7.57 -17.91 5.49
N ASN A 115 8.77 -17.83 4.94
CA ASN A 115 9.95 -17.65 5.76
C ASN A 115 10.23 -16.15 6.04
N HIS A 116 10.01 -15.72 7.27
CA HIS A 116 10.18 -14.33 7.63
C HIS A 116 11.63 -13.91 7.52
N LEU A 117 12.51 -14.90 7.43
CA LEU A 117 13.94 -14.62 7.33
C LEU A 117 14.42 -14.85 5.90
N ASP A 118 13.48 -14.94 4.96
CA ASP A 118 13.82 -15.23 3.57
C ASP A 118 14.90 -14.32 3.03
N PRO A 119 15.95 -14.91 2.43
CA PRO A 119 17.10 -14.16 1.91
C PRO A 119 17.02 -14.03 0.40
N PHE A 120 15.94 -14.49 -0.20
CA PHE A 120 15.86 -14.55 -1.67
C PHE A 120 15.06 -13.41 -2.30
N GLY A 121 14.60 -12.48 -1.48
CA GLY A 121 13.81 -11.36 -1.97
C GLY A 121 12.37 -11.74 -2.31
N HIS A 122 11.92 -12.89 -1.87
CA HIS A 122 10.56 -13.31 -2.21
C HIS A 122 9.52 -12.61 -1.33
N ILE A 123 8.27 -12.64 -1.74
CA ILE A 123 7.23 -11.97 -0.97
C ILE A 123 6.78 -12.82 0.22
N ILE A 124 6.88 -12.24 1.41
CA ILE A 124 6.63 -12.98 2.64
C ILE A 124 5.19 -12.87 3.05
N LEU A 125 4.52 -14.02 3.17
CA LEU A 125 3.13 -14.05 3.59
C LEU A 125 2.98 -14.93 4.83
N ASN A 126 1.86 -14.75 5.52
CA ASN A 126 1.50 -15.64 6.62
C ASN A 126 0.37 -16.56 6.20
N SER A 127 0.50 -17.83 6.52
CA SER A 127 -0.52 -18.80 6.21
C SER A 127 -1.84 -18.43 6.88
N MET A 128 -2.95 -18.80 6.26
CA MET A 128 -4.27 -18.56 6.81
C MET A 128 -4.67 -17.07 6.87
N HIS A 129 -3.93 -16.22 6.17
CA HIS A 129 -4.34 -14.83 5.97
C HIS A 129 -4.72 -14.56 4.52
N LYS A 130 -5.58 -13.57 4.32
CA LYS A 130 -6.08 -13.24 2.99
C LYS A 130 -5.30 -12.06 2.40
N TYR A 131 -5.00 -12.14 1.11
CA TYR A 131 -4.14 -11.14 0.49
C TYR A 131 -4.65 -10.66 -0.86
N GLN A 132 -4.22 -9.45 -1.22
CA GLN A 132 -4.65 -8.81 -2.46
C GLN A 132 -3.43 -8.38 -3.25
N PRO A 133 -3.19 -9.02 -4.40
CA PRO A 133 -2.10 -8.58 -5.28
C PRO A 133 -2.45 -7.23 -5.94
N ARG A 134 -1.45 -6.36 -6.12
CA ARG A 134 -1.69 -5.07 -6.75
C ARG A 134 -0.57 -4.82 -7.75
N LEU A 135 -0.93 -4.20 -8.87
CA LEU A 135 0.05 -3.75 -9.84
C LEU A 135 0.28 -2.25 -9.72
N HIS A 136 1.53 -1.80 -9.73
CA HIS A 136 1.83 -0.38 -9.70
C HIS A 136 2.61 0.03 -10.93
N ILE A 137 2.33 1.26 -11.41
CA ILE A 137 2.99 1.79 -12.58
C ILE A 137 3.61 3.12 -12.20
N VAL A 138 4.93 3.23 -12.33
CA VAL A 138 5.66 4.44 -11.97
C VAL A 138 6.29 5.05 -13.22
N LYS A 139 5.99 6.32 -13.46
CA LYS A 139 6.46 7.07 -14.64
C LYS A 139 7.87 7.58 -14.45
N ALA A 140 8.36 8.32 -15.44
CA ALA A 140 9.67 8.97 -15.38
C ALA A 140 9.53 10.44 -15.77
N ASP A 141 10.61 11.21 -15.66
CA ASP A 141 10.57 12.66 -15.90
C ASP A 141 10.59 13.04 -17.38
N THR A 151 7.43 10.06 -6.03
CA THR A 151 6.44 11.14 -5.90
C THR A 151 5.01 10.76 -6.27
N ALA A 152 4.79 10.31 -7.51
CA ALA A 152 3.47 9.93 -8.00
C ALA A 152 3.53 8.57 -8.70
N PHE A 153 2.54 7.72 -8.45
CA PHE A 153 2.44 6.46 -9.17
C PHE A 153 0.98 6.04 -9.15
N CYS A 154 0.63 5.03 -9.95
CA CYS A 154 -0.76 4.58 -9.96
C CYS A 154 -0.82 3.08 -9.68
N THR A 155 -1.97 2.64 -9.15
CA THR A 155 -2.12 1.28 -8.66
C THR A 155 -3.38 0.66 -9.22
N HIS A 156 -3.31 -0.62 -9.57
CA HIS A 156 -4.43 -1.35 -10.13
C HIS A 156 -4.69 -2.60 -9.35
N VAL A 157 -5.92 -2.73 -8.90
CA VAL A 157 -6.30 -3.80 -8.01
C VAL A 157 -7.45 -4.61 -8.62
N PHE A 158 -7.19 -5.89 -8.92
CA PHE A 158 -8.24 -6.79 -9.39
C PHE A 158 -8.69 -7.67 -8.25
N PRO A 159 -9.92 -7.44 -7.75
CA PRO A 159 -10.33 -8.20 -6.57
C PRO A 159 -10.45 -9.67 -6.89
N GLU A 160 -10.70 -10.05 -8.14
CA GLU A 160 -10.75 -11.46 -8.44
C GLU A 160 -9.41 -12.17 -8.27
N THR A 161 -8.36 -11.44 -7.90
CA THR A 161 -7.07 -12.10 -7.69
C THR A 161 -6.74 -12.24 -6.22
N ALA A 162 -7.66 -11.85 -5.35
CA ALA A 162 -7.40 -11.99 -3.92
C ALA A 162 -7.33 -13.47 -3.55
N PHE A 163 -6.65 -13.79 -2.45
CA PHE A 163 -6.46 -15.19 -2.09
C PHE A 163 -6.04 -15.37 -0.64
N ILE A 164 -6.21 -16.60 -0.15
CA ILE A 164 -5.71 -16.95 1.17
C ILE A 164 -4.43 -17.75 0.98
N ALA A 165 -3.38 -17.34 1.69
CA ALA A 165 -2.10 -18.04 1.63
C ALA A 165 -2.21 -19.28 2.48
N VAL A 166 -1.78 -20.41 1.94
CA VAL A 166 -1.79 -21.66 2.69
C VAL A 166 -0.50 -22.46 2.50
N THR A 167 -0.29 -23.36 3.44
CA THR A 167 0.89 -24.17 3.49
C THR A 167 0.57 -25.51 2.77
N SER A 168 -0.72 -25.85 2.71
CA SER A 168 -1.20 -26.94 1.86
C SER A 168 -2.65 -26.67 1.55
N TYR A 169 -3.12 -27.16 0.39
CA TYR A 169 -4.47 -26.87 -0.04
C TYR A 169 -5.52 -27.37 0.95
N GLN A 170 -6.51 -26.53 1.20
CA GLN A 170 -7.57 -26.82 2.16
C GLN A 170 -8.81 -27.30 1.44
N ASN A 171 -9.32 -26.47 0.55
CA ASN A 171 -10.46 -26.86 -0.25
C ASN A 171 -10.04 -27.69 -1.46
N HIS A 172 -10.45 -28.95 -1.47
CA HIS A 172 -10.01 -29.84 -2.52
C HIS A 172 -10.44 -29.39 -3.91
N LYS A 173 -11.45 -28.53 -4.00
CA LYS A 173 -11.84 -27.97 -5.29
C LYS A 173 -10.78 -27.03 -5.86
N ILE A 174 -9.99 -26.41 -5.00
CA ILE A 174 -8.88 -25.58 -5.48
C ILE A 174 -7.82 -26.51 -6.07
N THR A 175 -7.45 -27.54 -5.30
CA THR A 175 -6.48 -28.52 -5.75
C THR A 175 -6.78 -29.02 -7.16
N GLN A 176 -8.03 -29.36 -7.41
CA GLN A 176 -8.42 -29.91 -8.70
C GLN A 176 -8.30 -28.88 -9.82
N LEU A 177 -8.73 -27.65 -9.54
CA LEU A 177 -8.54 -26.53 -10.45
C LEU A 177 -7.04 -26.33 -10.83
N LYS A 178 -6.18 -26.27 -9.82
CA LYS A 178 -4.73 -26.17 -10.03
C LYS A 178 -4.27 -27.30 -10.95
N ILE A 179 -4.64 -28.54 -10.61
CA ILE A 179 -4.23 -29.69 -11.41
C ILE A 179 -4.72 -29.59 -12.84
N GLU A 180 -5.99 -29.22 -13.03
CA GLU A 180 -6.55 -29.18 -14.37
C GLU A 180 -5.93 -28.08 -15.23
N ASN A 181 -5.45 -27.00 -14.61
CA ASN A 181 -5.06 -25.85 -15.42
C ASN A 181 -3.57 -25.52 -15.46
N ASN A 182 -2.84 -25.94 -14.44
CA ASN A 182 -1.42 -25.69 -14.42
C ASN A 182 -0.65 -26.85 -15.11
N PRO A 183 0.00 -26.54 -16.23
CA PRO A 183 0.79 -27.52 -16.99
C PRO A 183 1.73 -28.32 -16.10
N PHE A 184 2.38 -27.68 -15.14
CA PHE A 184 3.33 -28.38 -14.28
C PHE A 184 2.70 -29.47 -13.39
N ALA A 185 1.38 -29.43 -13.27
CA ALA A 185 0.65 -30.43 -12.52
C ALA A 185 0.01 -31.48 -13.45
N LYS A 186 0.35 -31.42 -14.73
CA LYS A 186 -0.28 -32.30 -15.72
C LYS A 186 -0.26 -33.78 -15.28
N GLY A 187 0.84 -34.21 -14.67
CA GLY A 187 1.00 -35.58 -14.18
C GLY A 187 -0.03 -36.07 -13.17
N PHE A 188 -0.76 -35.16 -12.52
CA PHE A 188 -1.78 -35.60 -11.54
C PHE A 188 -3.19 -35.68 -12.13
N ARG A 189 -3.33 -35.32 -13.40
CA ARG A 189 -4.63 -35.27 -14.07
C ARG A 189 -5.18 -36.67 -14.32
N GLY A 190 -6.50 -36.78 -14.35
CA GLY A 190 -7.19 -38.04 -14.59
C GLY A 190 -6.70 -38.80 -15.81
N GLU B 4 -5.41 10.55 -14.46
CA GLU B 4 -4.12 10.43 -13.77
C GLU B 4 -3.08 11.46 -14.27
N GLY B 5 -3.56 12.49 -14.97
CA GLY B 5 -2.73 13.63 -15.41
C GLY B 5 -2.84 14.76 -14.38
N ILE B 6 -3.05 14.30 -13.16
CA ILE B 6 -3.34 15.13 -12.02
C ILE B 6 -2.03 15.63 -11.42
N LYS B 7 -2.03 16.88 -10.97
CA LYS B 7 -0.89 17.38 -10.20
C LYS B 7 -1.33 17.66 -8.76
N VAL B 8 -0.41 17.47 -7.82
CA VAL B 8 -0.67 17.76 -6.42
C VAL B 8 0.46 18.62 -5.87
N PHE B 9 0.12 19.66 -5.13
CA PHE B 9 1.12 20.58 -4.61
C PHE B 9 0.98 20.68 -3.10
N LEU B 10 2.09 20.47 -2.40
CA LEU B 10 2.09 20.53 -0.94
C LEU B 10 1.96 21.98 -0.48
N HIS B 11 0.97 22.24 0.35
CA HIS B 11 0.80 23.56 0.92
C HIS B 11 1.81 23.76 2.06
N GLU B 12 2.22 25.00 2.28
CA GLU B 12 3.19 25.34 3.33
C GLU B 12 4.48 24.53 3.20
N ARG B 13 4.98 24.38 1.98
CA ARG B 13 6.12 23.50 1.77
C ARG B 13 7.35 23.97 2.55
N GLU B 14 7.49 25.29 2.68
CA GLU B 14 8.67 25.88 3.30
C GLU B 14 8.72 25.50 4.78
N LEU B 15 7.58 25.62 5.46
CA LEU B 15 7.48 25.16 6.83
C LEU B 15 7.79 23.68 6.94
N TRP B 16 7.29 22.88 5.99
CA TRP B 16 7.56 21.44 6.02
C TRP B 16 9.06 21.18 5.90
N LEU B 17 9.70 21.88 4.98
CA LEU B 17 11.15 21.81 4.79
C LEU B 17 11.95 22.16 6.05
N LYS B 18 11.57 23.23 6.73
CA LYS B 18 12.21 23.61 7.98
C LYS B 18 12.16 22.45 8.97
N PHE B 19 10.99 21.86 9.14
CA PHE B 19 10.86 20.69 10.02
C PHE B 19 11.68 19.51 9.51
N HIS B 20 11.69 19.33 8.19
CA HIS B 20 12.38 18.20 7.58
C HIS B 20 13.89 18.27 7.81
N GLU B 21 14.45 19.48 7.71
CA GLU B 21 15.88 19.72 7.91
C GLU B 21 16.32 19.29 9.31
N VAL B 22 15.54 19.68 10.30
CA VAL B 22 15.84 19.32 11.68
C VAL B 22 15.63 17.82 11.89
N GLY B 23 14.55 17.29 11.31
CA GLY B 23 14.16 15.92 11.56
C GLY B 23 12.78 15.93 12.18
N THR B 24 11.77 15.92 11.32
CA THR B 24 10.39 16.07 11.77
C THR B 24 9.97 14.99 12.74
N GLU B 25 9.32 15.43 13.81
CA GLU B 25 8.70 14.51 14.75
C GLU B 25 7.23 14.89 14.86
N MET B 26 6.40 13.89 15.16
CA MET B 26 4.99 14.10 15.39
C MET B 26 4.63 13.37 16.65
N ILE B 27 4.04 14.09 17.58
CA ILE B 27 3.61 13.51 18.84
C ILE B 27 2.37 12.66 18.62
N ILE B 28 2.32 11.50 19.27
CA ILE B 28 1.18 10.61 19.18
C ILE B 28 0.71 10.26 20.59
N THR B 29 -0.60 10.17 20.79
CA THR B 29 -1.16 10.05 22.15
C THR B 29 -2.38 9.16 22.10
N LYS B 30 -2.89 8.83 23.28
CA LYS B 30 -4.08 8.00 23.40
C LYS B 30 -5.29 8.68 22.77
N ALA B 31 -5.43 9.98 23.03
CA ALA B 31 -6.61 10.68 22.54
C ALA B 31 -6.48 10.97 21.04
N GLY B 32 -5.23 10.97 20.56
CA GLY B 32 -4.97 11.29 19.17
C GLY B 32 -4.54 12.73 19.02
N ARG B 33 -3.50 12.93 18.22
N ARG B 33 -3.48 12.93 18.26
CA ARG B 33 -2.91 14.23 18.03
CA ARG B 33 -2.96 14.27 18.03
C ARG B 33 -2.97 14.62 16.55
C ARG B 33 -3.02 14.61 16.55
N ARG B 34 -3.39 15.85 16.25
CA ARG B 34 -3.29 16.35 14.89
C ARG B 34 -1.82 16.45 14.52
N MET B 35 -1.53 16.43 13.22
N MET B 35 -1.53 16.42 13.23
CA MET B 35 -0.17 16.63 12.74
CA MET B 35 -0.15 16.61 12.80
C MET B 35 0.18 18.10 12.82
C MET B 35 0.19 18.10 12.82
N PHE B 36 1.46 18.40 12.99
CA PHE B 36 1.96 19.76 12.89
C PHE B 36 3.32 19.70 12.25
N PRO B 37 3.48 20.34 11.08
CA PRO B 37 2.46 21.07 10.33
C PRO B 37 1.24 20.23 9.94
N SER B 38 0.13 20.92 9.68
CA SER B 38 -1.05 20.31 9.07
C SER B 38 -0.69 19.85 7.65
N TYR B 39 -1.29 18.76 7.19
CA TYR B 39 -1.10 18.31 5.80
C TYR B 39 -2.21 18.84 4.89
N LYS B 40 -1.84 19.66 3.90
CA LYS B 40 -2.82 20.26 2.99
C LYS B 40 -2.23 20.36 1.58
N VAL B 41 -3.09 20.22 0.57
CA VAL B 41 -2.58 20.16 -0.79
C VAL B 41 -3.48 20.93 -1.73
N LYS B 42 -2.90 21.39 -2.83
CA LYS B 42 -3.70 21.92 -3.91
C LYS B 42 -3.65 20.87 -4.97
N VAL B 43 -4.78 20.62 -5.62
CA VAL B 43 -4.86 19.60 -6.66
C VAL B 43 -5.35 20.21 -7.96
N THR B 44 -4.76 19.82 -9.08
CA THR B 44 -5.22 20.29 -10.39
C THR B 44 -5.25 19.16 -11.39
N GLY B 45 -6.02 19.33 -12.47
CA GLY B 45 -6.03 18.37 -13.55
C GLY B 45 -7.08 17.29 -13.44
N LEU B 46 -7.99 17.45 -12.47
CA LEU B 46 -9.08 16.51 -12.29
C LEU B 46 -10.18 16.85 -13.29
N ASN B 47 -10.93 15.85 -13.73
CA ASN B 47 -12.15 16.13 -14.50
C ASN B 47 -13.17 16.79 -13.58
N PRO B 48 -13.64 17.99 -13.96
CA PRO B 48 -14.49 18.78 -13.07
C PRO B 48 -15.78 18.07 -12.63
N LYS B 49 -16.30 17.15 -13.45
CA LYS B 49 -17.62 16.56 -13.21
C LYS B 49 -17.52 15.18 -12.59
N THR B 50 -16.36 14.55 -12.77
CA THR B 50 -16.11 13.23 -12.24
C THR B 50 -16.05 13.26 -10.72
N LYS B 51 -16.55 12.21 -10.09
N LYS B 51 -16.52 12.20 -10.09
CA LYS B 51 -16.49 12.10 -8.64
CA LYS B 51 -16.49 12.11 -8.65
C LYS B 51 -15.21 11.39 -8.19
C LYS B 51 -15.24 11.36 -8.17
N TYR B 52 -14.57 11.93 -7.17
CA TYR B 52 -13.36 11.32 -6.60
C TYR B 52 -13.48 11.19 -5.09
N ILE B 53 -12.78 10.20 -4.55
CA ILE B 53 -12.54 10.09 -3.13
C ILE B 53 -11.08 10.43 -2.88
N LEU B 54 -10.83 11.33 -1.94
CA LEU B 54 -9.47 11.66 -1.55
C LEU B 54 -9.22 11.08 -0.17
N LEU B 55 -8.08 10.44 0.02
CA LEU B 55 -7.79 9.87 1.33
C LEU B 55 -6.30 9.83 1.61
N MET B 56 -5.96 9.66 2.89
CA MET B 56 -4.56 9.51 3.29
C MET B 56 -4.30 8.20 3.99
N ASP B 57 -3.07 7.71 3.86
CA ASP B 57 -2.59 6.75 4.85
C ASP B 57 -1.19 7.16 5.27
N ILE B 58 -0.65 6.43 6.22
CA ILE B 58 0.68 6.76 6.74
C ILE B 58 1.42 5.45 6.93
N VAL B 59 2.45 5.23 6.12
CA VAL B 59 3.09 3.93 6.03
C VAL B 59 4.52 3.99 6.52
N PRO B 60 5.06 2.84 6.94
CA PRO B 60 6.44 2.85 7.44
C PRO B 60 7.40 3.37 6.37
N ALA B 61 8.33 4.22 6.77
CA ALA B 61 9.27 4.78 5.83
C ALA B 61 10.48 3.86 5.66
N ASP B 62 10.65 2.94 6.61
CA ASP B 62 11.74 1.98 6.57
C ASP B 62 11.53 0.90 7.63
N ASP B 63 12.56 0.08 7.84
CA ASP B 63 12.44 -1.07 8.76
C ASP B 63 13.23 -0.85 10.06
N HIS B 64 13.59 0.40 10.33
CA HIS B 64 14.36 0.73 11.50
C HIS B 64 13.51 1.11 12.73
N ARG B 65 14.14 0.99 13.89
CA ARG B 65 13.63 1.58 15.11
C ARG B 65 14.68 2.61 15.52
N TYR B 66 14.26 3.71 16.13
CA TYR B 66 15.18 4.83 16.32
C TYR B 66 15.32 5.25 17.78
N LYS B 67 16.40 5.96 18.06
CA LYS B 67 16.57 6.62 19.36
C LYS B 67 17.18 7.99 19.11
N PHE B 68 16.89 8.92 20.00
CA PHE B 68 17.47 10.26 19.90
C PHE B 68 18.46 10.45 21.04
N ALA B 69 19.72 10.69 20.70
CA ALA B 69 20.76 10.89 21.71
C ALA B 69 21.90 11.72 21.12
N ASP B 70 22.48 12.60 21.92
CA ASP B 70 23.55 13.48 21.45
C ASP B 70 23.04 14.41 20.37
N ASN B 71 21.84 14.92 20.57
CA ASN B 71 21.16 15.73 19.56
C ASN B 71 21.25 15.15 18.14
N LYS B 72 20.95 13.86 18.02
CA LYS B 72 20.90 13.20 16.72
C LYS B 72 20.03 11.96 16.80
N TRP B 73 19.45 11.58 15.67
CA TRP B 73 18.69 10.34 15.59
C TRP B 73 19.65 9.26 15.14
N SER B 74 19.38 8.03 15.56
CA SER B 74 20.17 6.92 15.06
C SER B 74 19.39 5.61 15.19
N VAL B 75 19.68 4.68 14.28
CA VAL B 75 19.03 3.38 14.27
C VAL B 75 19.47 2.60 15.48
N THR B 76 18.53 1.95 16.15
CA THR B 76 18.79 1.33 17.43
C THR B 76 18.18 -0.07 17.47
N GLY B 77 17.59 -0.49 16.35
CA GLY B 77 16.92 -1.80 16.31
C GLY B 77 16.07 -2.05 15.07
N LYS B 78 15.37 -3.19 15.08
CA LYS B 78 14.49 -3.59 13.99
C LYS B 78 13.10 -3.03 14.27
N ALA B 79 12.47 -2.45 13.24
CA ALA B 79 11.11 -1.92 13.39
C ALA B 79 10.16 -2.99 13.86
N GLU B 80 9.18 -2.60 14.66
CA GLU B 80 8.16 -3.51 15.15
C GLU B 80 7.17 -3.86 14.04
N PRO B 81 6.67 -5.10 13.99
CA PRO B 81 5.61 -5.39 13.00
C PRO B 81 4.31 -4.69 13.38
N ALA B 82 3.42 -4.51 12.42
CA ALA B 82 2.18 -3.77 12.70
C ALA B 82 0.99 -4.32 11.92
N MET B 83 -0.21 -3.92 12.32
CA MET B 83 -1.41 -4.22 11.54
C MET B 83 -1.47 -3.32 10.30
N PRO B 84 -2.29 -3.68 9.31
CA PRO B 84 -2.39 -2.80 8.14
C PRO B 84 -2.79 -1.39 8.58
N GLY B 85 -2.25 -0.35 7.95
CA GLY B 85 -2.52 1.00 8.35
C GLY B 85 -3.96 1.36 8.09
N ARG B 86 -4.56 2.14 8.99
CA ARG B 86 -5.91 2.65 8.77
C ARG B 86 -5.89 3.77 7.77
N LEU B 87 -7.02 3.98 7.10
CA LEU B 87 -7.13 5.09 6.14
C LEU B 87 -7.82 6.30 6.75
N TYR B 88 -7.38 7.49 6.37
CA TYR B 88 -8.17 8.67 6.67
C TYR B 88 -8.82 9.18 5.39
N VAL B 89 -10.13 8.96 5.28
CA VAL B 89 -10.89 9.42 4.12
C VAL B 89 -11.29 10.89 4.32
N HIS B 90 -10.93 11.75 3.39
CA HIS B 90 -11.32 13.16 3.58
C HIS B 90 -12.85 13.21 3.72
N PRO B 91 -13.34 13.94 4.74
CA PRO B 91 -14.78 14.06 5.01
C PRO B 91 -15.63 14.57 3.83
N ASP B 92 -15.06 15.36 2.90
CA ASP B 92 -15.85 15.79 1.73
C ASP B 92 -16.13 14.64 0.74
N SER B 93 -15.45 13.50 0.90
CA SER B 93 -15.58 12.41 -0.09
C SER B 93 -16.95 11.75 0.00
N PRO B 94 -17.50 11.34 -1.15
CA PRO B 94 -16.98 11.59 -2.50
C PRO B 94 -17.41 12.98 -3.00
N ALA B 95 -16.62 13.59 -3.86
CA ALA B 95 -16.94 14.92 -4.38
C ALA B 95 -16.39 15.09 -5.81
N THR B 96 -16.93 16.08 -6.55
CA THR B 96 -16.52 16.34 -7.92
C THR B 96 -15.08 16.84 -7.99
N GLY B 97 -14.44 16.58 -9.13
CA GLY B 97 -13.16 17.20 -9.42
C GLY B 97 -13.20 18.71 -9.16
N ALA B 98 -14.28 19.38 -9.57
CA ALA B 98 -14.35 20.84 -9.38
C ALA B 98 -14.37 21.21 -7.89
N HIS B 99 -15.11 20.43 -7.10
CA HIS B 99 -15.07 20.65 -5.65
C HIS B 99 -13.65 20.56 -5.09
N TRP B 100 -12.95 19.49 -5.41
CA TRP B 100 -11.62 19.29 -4.84
C TRP B 100 -10.65 20.38 -5.30
N MET B 101 -10.82 20.85 -6.52
CA MET B 101 -9.89 21.83 -7.06
C MET B 101 -10.18 23.27 -6.61
N ARG B 102 -11.40 23.50 -6.11
CA ARG B 102 -11.87 24.86 -5.85
C ARG B 102 -11.09 25.56 -4.75
N GLN B 103 -10.64 24.80 -3.76
CA GLN B 103 -9.72 25.35 -2.76
C GLN B 103 -8.85 24.24 -2.22
N LEU B 104 -7.94 24.64 -1.34
CA LEU B 104 -7.07 23.73 -0.64
C LEU B 104 -7.83 22.53 -0.08
N VAL B 105 -7.30 21.33 -0.30
CA VAL B 105 -7.81 20.15 0.40
C VAL B 105 -6.98 20.00 1.68
N SER B 106 -7.65 20.15 2.82
CA SER B 106 -6.98 20.06 4.10
C SER B 106 -7.24 18.73 4.82
N PHE B 107 -6.18 18.14 5.35
CA PHE B 107 -6.33 16.94 6.15
C PHE B 107 -6.01 17.23 7.61
N GLN B 108 -6.23 18.46 8.03
CA GLN B 108 -5.79 18.89 9.36
C GLN B 108 -6.45 18.18 10.53
N LYS B 109 -7.63 17.61 10.31
CA LYS B 109 -8.34 16.90 11.38
C LYS B 109 -7.88 15.45 11.54
N LEU B 110 -6.96 15.00 10.68
CA LEU B 110 -6.41 13.65 10.83
C LEU B 110 -5.68 13.56 12.17
N LYS B 111 -5.94 12.51 12.94
CA LYS B 111 -5.29 12.35 14.22
C LYS B 111 -4.42 11.10 14.30
N LEU B 112 -3.32 11.23 15.04
CA LEU B 112 -2.34 10.16 15.23
C LEU B 112 -2.39 9.69 16.67
N THR B 113 -2.50 8.38 16.85
CA THR B 113 -2.62 7.81 18.17
C THR B 113 -1.57 6.72 18.31
N ASN B 114 -1.25 6.37 19.57
CA ASN B 114 -0.32 5.27 19.82
C ASN B 114 -1.06 4.11 20.46
N ASN B 115 -2.38 4.23 20.53
CA ASN B 115 -3.20 3.23 21.15
C ASN B 115 -3.67 2.17 20.17
N HIS B 116 -3.07 0.99 20.25
CA HIS B 116 -3.39 -0.09 19.33
C HIS B 116 -4.82 -0.55 19.46
N LEU B 117 -5.52 -0.07 20.48
CA LEU B 117 -6.92 -0.41 20.68
C LEU B 117 -7.85 0.77 20.39
N ASP B 118 -7.28 1.83 19.82
CA ASP B 118 -8.06 3.01 19.51
C ASP B 118 -9.40 2.67 18.84
N PRO B 119 -10.49 3.22 19.36
CA PRO B 119 -11.84 2.98 18.85
C PRO B 119 -12.37 4.11 17.96
N PHE B 120 -11.59 5.17 17.80
CA PHE B 120 -12.05 6.37 17.08
C PHE B 120 -11.66 6.45 15.61
N GLY B 121 -11.03 5.40 15.08
CA GLY B 121 -10.60 5.40 13.70
C GLY B 121 -9.31 6.17 13.43
N HIS B 122 -8.67 6.65 14.47
CA HIS B 122 -7.42 7.38 14.30
C HIS B 122 -6.29 6.47 13.82
N ILE B 123 -5.32 7.04 13.13
N ILE B 123 -5.33 7.05 13.12
CA ILE B 123 -4.20 6.29 12.59
CA ILE B 123 -4.17 6.33 12.60
C ILE B 123 -3.19 5.88 13.67
C ILE B 123 -3.23 5.87 13.72
N ILE B 124 -3.04 4.57 13.83
CA ILE B 124 -2.18 4.01 14.86
C ILE B 124 -0.74 3.94 14.39
N LEU B 125 0.15 4.58 15.15
CA LEU B 125 1.58 4.53 14.89
C LEU B 125 2.31 3.97 16.10
N ASN B 126 3.58 3.62 15.90
CA ASN B 126 4.44 3.18 16.99
C ASN B 126 5.51 4.22 17.26
N SER B 127 5.77 4.44 18.54
CA SER B 127 6.76 5.44 18.93
C SER B 127 8.15 5.05 18.45
N MET B 128 8.92 6.05 18.01
CA MET B 128 10.30 5.85 17.57
C MET B 128 10.42 5.07 16.26
N HIS B 129 9.36 5.13 15.45
CA HIS B 129 9.42 4.61 14.08
C HIS B 129 9.28 5.76 13.09
N LYS B 130 9.82 5.58 11.89
CA LYS B 130 9.71 6.60 10.84
C LYS B 130 8.54 6.31 9.88
N TYR B 131 7.79 7.35 9.53
CA TYR B 131 6.60 7.19 8.70
C TYR B 131 6.52 8.14 7.53
N GLN B 132 5.78 7.72 6.51
CA GLN B 132 5.57 8.52 5.31
C GLN B 132 4.06 8.70 5.04
N PRO B 133 3.55 9.94 5.17
CA PRO B 133 2.17 10.25 4.76
C PRO B 133 2.00 10.13 3.25
N ARG B 134 0.87 9.57 2.82
N ARG B 134 0.86 9.59 2.82
CA ARG B 134 0.56 9.51 1.40
CA ARG B 134 0.57 9.50 1.39
C ARG B 134 -0.86 9.98 1.15
C ARG B 134 -0.87 9.91 1.11
N LEU B 135 -1.05 10.64 0.01
CA LEU B 135 -2.37 11.03 -0.45
C LEU B 135 -2.78 10.12 -1.59
N HIS B 136 -4.02 9.66 -1.56
CA HIS B 136 -4.53 8.81 -2.62
C HIS B 136 -5.76 9.43 -3.25
N ILE B 137 -5.85 9.33 -4.57
CA ILE B 137 -6.98 9.86 -5.31
C ILE B 137 -7.67 8.72 -6.02
N VAL B 138 -8.93 8.49 -5.66
CA VAL B 138 -9.70 7.39 -6.21
C VAL B 138 -10.93 7.90 -6.97
N LYS B 139 -11.09 7.50 -8.23
CA LYS B 139 -12.38 7.72 -8.91
C LYS B 139 -13.47 6.93 -8.17
N ALA B 140 -14.48 7.60 -7.63
CA ALA B 140 -15.49 6.92 -6.81
C ALA B 140 -16.33 5.95 -7.64
N ASP B 141 -16.51 6.27 -8.92
CA ASP B 141 -17.42 5.54 -9.81
C ASP B 141 -18.70 5.04 -9.10
N THR B 151 -11.37 -0.16 -9.73
CA THR B 151 -10.13 -0.91 -9.49
C THR B 151 -8.80 -0.10 -9.54
N ALA B 152 -8.88 1.21 -9.77
CA ALA B 152 -7.67 2.03 -10.03
C ALA B 152 -7.58 3.32 -9.21
N PHE B 153 -6.37 3.70 -8.83
CA PHE B 153 -6.18 4.94 -8.10
C PHE B 153 -4.75 5.40 -8.20
N CYS B 154 -4.50 6.64 -7.82
CA CYS B 154 -3.14 7.16 -7.88
C CYS B 154 -2.74 7.68 -6.53
N THR B 155 -1.44 7.71 -6.31
CA THR B 155 -0.89 7.99 -5.01
C THR B 155 0.18 9.06 -5.14
N HIS B 156 0.22 10.00 -4.18
CA HIS B 156 1.23 11.05 -4.20
C HIS B 156 1.98 11.10 -2.87
N VAL B 157 3.30 11.14 -2.97
CA VAL B 157 4.17 10.99 -1.81
C VAL B 157 5.13 12.17 -1.76
N PHE B 158 4.98 13.05 -0.78
CA PHE B 158 5.97 14.10 -0.55
C PHE B 158 6.95 13.65 0.51
N PRO B 159 8.20 13.41 0.09
CA PRO B 159 9.23 12.93 1.02
C PRO B 159 9.48 13.90 2.16
N GLU B 160 9.26 15.20 1.93
CA GLU B 160 9.51 16.18 2.98
C GLU B 160 8.45 16.16 4.09
N THR B 161 7.43 15.31 3.96
CA THR B 161 6.46 15.21 5.02
C THR B 161 6.71 13.97 5.86
N ALA B 162 7.78 13.24 5.51
CA ALA B 162 8.17 12.08 6.32
C ALA B 162 8.51 12.52 7.74
N PHE B 163 8.33 11.64 8.73
CA PHE B 163 8.57 12.06 10.10
C PHE B 163 8.77 10.87 11.02
N ILE B 164 9.29 11.14 12.21
CA ILE B 164 9.37 10.10 13.23
C ILE B 164 8.31 10.34 14.29
N ALA B 165 7.60 9.28 14.64
CA ALA B 165 6.52 9.39 15.60
C ALA B 165 7.16 9.38 16.97
N VAL B 166 6.74 10.31 17.83
CA VAL B 166 7.32 10.39 19.16
C VAL B 166 6.22 10.54 20.18
N THR B 167 6.59 10.29 21.43
CA THR B 167 5.64 10.30 22.52
C THR B 167 5.60 11.67 23.21
N SER B 168 6.70 12.41 23.03
CA SER B 168 6.83 13.82 23.36
C SER B 168 8.07 14.27 22.59
N TYR B 169 8.17 15.55 22.25
CA TYR B 169 9.26 15.98 21.38
C TYR B 169 10.63 15.62 21.94
N GLN B 170 11.48 15.07 21.08
CA GLN B 170 12.82 14.67 21.49
C GLN B 170 13.82 15.80 21.26
N ASN B 171 13.92 16.23 20.00
CA ASN B 171 14.82 17.31 19.64
C ASN B 171 14.19 18.66 20.03
N HIS B 172 14.82 19.36 20.98
CA HIS B 172 14.27 20.63 21.48
C HIS B 172 14.09 21.67 20.35
N LYS B 173 14.83 21.50 19.26
CA LYS B 173 14.67 22.39 18.11
C LYS B 173 13.27 22.29 17.50
N ILE B 174 12.72 21.08 17.51
CA ILE B 174 11.38 20.87 16.98
C ILE B 174 10.40 21.68 17.81
N THR B 175 10.52 21.54 19.12
CA THR B 175 9.69 22.27 20.07
C THR B 175 9.69 23.77 19.78
N GLN B 176 10.87 24.31 19.49
CA GLN B 176 10.97 25.74 19.18
C GLN B 176 10.19 26.06 17.92
N LEU B 177 10.46 25.29 16.86
CA LEU B 177 9.74 25.43 15.60
C LEU B 177 8.20 25.43 15.78
N LYS B 178 7.68 24.46 16.53
CA LYS B 178 6.25 24.41 16.79
C LYS B 178 5.80 25.66 17.56
N ILE B 179 6.58 26.06 18.57
CA ILE B 179 6.30 27.28 19.31
C ILE B 179 6.30 28.53 18.42
N GLU B 180 7.32 28.64 17.57
CA GLU B 180 7.45 29.81 16.70
C GLU B 180 6.39 29.88 15.60
N ASN B 181 5.69 28.78 15.35
CA ASN B 181 4.84 28.69 14.16
C ASN B 181 3.35 28.46 14.41
N ASN B 182 2.92 28.51 15.67
CA ASN B 182 1.49 28.47 15.97
C ASN B 182 1.05 29.71 16.72
N PRO B 183 0.21 30.53 16.07
CA PRO B 183 -0.29 31.76 16.68
C PRO B 183 -0.93 31.48 18.04
N PHE B 184 -1.93 30.59 18.03
CA PHE B 184 -2.69 30.15 19.21
C PHE B 184 -4.12 29.80 18.80
MG MG E . -2.07 -15.59 -16.73
MG MG F . 0.22 24.30 9.86
O1 PE4 G . 9.68 1.81 -6.55
C1 PE4 G . 8.73 2.31 -5.62
C2 PE4 G . 7.60 3.09 -6.31
O2 PE4 G . 6.36 2.85 -5.66
C3 PE4 G . 6.19 1.60 -5.04
C4 PE4 G . 4.70 1.28 -4.85
O3 PE4 G . 4.46 1.19 -3.46
C5 PE4 G . 3.53 0.27 -2.96
C6 PE4 G . 2.84 0.86 -1.72
O4 PE4 G . 3.09 0.12 -0.53
C7 PE4 G . 2.47 0.49 0.69
C8 PE4 G . 1.31 -0.42 1.14
O5 PE4 G . 0.07 0.23 1.23
C9 PE4 G . -1.10 -0.56 1.29
C10 PE4 G . -2.41 0.20 1.55
O6 PE4 G . -2.76 1.11 0.53
C11 PE4 G . -4.07 1.63 0.53
C12 PE4 G . -4.26 2.77 -0.48
O7 PE4 G . -5.64 3.02 -0.68
C13 PE4 G . -6.43 2.13 -1.42
C14 PE4 G . -7.71 2.81 -1.91
O8 PE4 G . -8.82 2.37 -1.14
C15 PE4 G . -10.14 2.82 -1.44
C16 PE4 G . -11.00 3.05 -0.18
#